data_2OZE
#
_entry.id   2OZE
#
_cell.length_a   82.968
_cell.length_b   82.968
_cell.length_c   233.998
_cell.angle_alpha   90.00
_cell.angle_beta   90.00
_cell.angle_gamma   120.00
#
_symmetry.space_group_name_H-M   'P 65 2 2'
#
loop_
_entity.id
_entity.type
_entity.pdbx_description
1 polymer "Orf delta'"
2 non-polymer 'MAGNESIUM ION'
3 non-polymer 'PHOSPHOTHIOPHOSPHORIC ACID-ADENYLATE ESTER'
4 non-polymer '4-(2-HYDROXYETHYL)-1-PIPERAZINE ETHANESULFONIC ACID'
5 water water
#
_entity_poly.entity_id   1
_entity_poly.type   'polypeptide(L)'
_entity_poly.pdbx_seq_one_letter_code
;MIQYYYTKKEWGVVMEKEELKILEELRRILSNKNEAIVILNNYFKGGVGKSKLSTMFAYLTDKLNLKVLMIDKDLQATLT
KDLAKTFKVELPRVNFYEGLKNGNLASSIVHLTDNLDLIPGTFDLMLLPKLTRSWTFENESRLLATLLAPLKSDYDLIII
DTVPTPSVYTNNAIVASDYVMIPLQAEEESTNNIQNYISYLIDLQEQFNPGLDMIGFVPYLVDTDSATIKSNLEELYKQH
KEDNLVFQNIIKRSNKVSTWSKNGITEHKGYDKKVLSMYKNVFFEMLERIIQLENEKE
;
_entity_poly.pdbx_strand_id   A
#
# COMPACT_ATOMS: atom_id res chain seq x y z
N MET A 15 0.14 -18.73 16.39
CA MET A 15 -0.15 -17.66 15.40
C MET A 15 -1.54 -17.83 14.78
N GLU A 16 -2.36 -18.68 15.40
CA GLU A 16 -3.68 -19.08 14.92
C GLU A 16 -3.64 -19.90 13.63
N LYS A 17 -4.40 -21.00 13.62
CA LYS A 17 -4.39 -21.93 12.51
C LYS A 17 -4.79 -21.28 11.19
N GLU A 18 -5.85 -20.47 11.23
CA GLU A 18 -6.41 -19.85 10.04
C GLU A 18 -5.43 -18.86 9.39
N GLU A 19 -4.70 -18.14 10.23
CA GLU A 19 -3.65 -17.24 9.75
C GLU A 19 -2.47 -18.01 9.16
N LEU A 20 -2.10 -19.13 9.77
CA LEU A 20 -1.06 -19.99 9.22
C LEU A 20 -1.42 -20.53 7.84
N LYS A 21 -2.68 -20.92 7.67
CA LYS A 21 -3.20 -21.41 6.40
C LYS A 21 -3.18 -20.33 5.32
N ILE A 22 -3.54 -19.12 5.70
CA ILE A 22 -3.50 -17.98 4.76
C ILE A 22 -2.07 -17.74 4.25
N LEU A 23 -1.11 -17.73 5.17
CA LEU A 23 0.31 -17.56 4.80
C LEU A 23 0.85 -18.70 3.93
N GLU A 24 0.51 -19.95 4.25
CA GLU A 24 0.86 -21.08 3.39
C GLU A 24 0.30 -20.91 2.00
N GLU A 25 -0.96 -20.47 1.92
CA GLU A 25 -1.60 -20.27 0.62
C GLU A 25 -0.94 -19.14 -0.16
N LEU A 26 -0.59 -18.05 0.55
CA LEU A 26 0.17 -16.96 -0.09
C LEU A 26 1.46 -17.46 -0.68
N ARG A 27 2.21 -18.21 0.13
CA ARG A 27 3.51 -18.69 -0.30
C ARG A 27 3.38 -19.65 -1.49
N ARG A 28 2.29 -20.41 -1.51
CA ARG A 28 2.03 -21.31 -2.64
C ARG A 28 1.77 -20.52 -3.94
N ILE A 29 0.91 -19.50 -3.84
CA ILE A 29 0.65 -18.58 -4.96
C ILE A 29 1.95 -17.90 -5.45
N LEU A 30 2.78 -17.46 -4.52
CA LEU A 30 4.05 -16.78 -4.88
C LEU A 30 5.04 -17.74 -5.52
N SER A 31 4.98 -18.99 -5.08
CA SER A 31 5.79 -20.01 -5.68
C SER A 31 5.34 -20.31 -7.14
N ASN A 32 4.04 -20.26 -7.40
CA ASN A 32 3.51 -20.38 -8.78
C ASN A 32 3.87 -19.17 -9.64
N LYS A 33 3.80 -17.99 -9.05
CA LYS A 33 4.08 -16.75 -9.78
C LYS A 33 5.58 -16.57 -10.03
N ASN A 34 6.36 -17.01 -9.05
CA ASN A 34 7.82 -16.93 -9.07
C ASN A 34 8.38 -15.49 -9.00
N GLU A 35 7.52 -14.56 -8.59
CA GLU A 35 7.96 -13.18 -8.36
C GLU A 35 6.92 -12.48 -7.48
N ALA A 36 7.33 -11.32 -6.94
CA ALA A 36 6.51 -10.59 -5.98
C ALA A 36 5.16 -10.17 -6.54
N ILE A 37 4.20 -10.05 -5.63
CA ILE A 37 2.91 -9.41 -5.92
C ILE A 37 3.09 -7.96 -5.43
N VAL A 38 2.68 -7.00 -6.27
CA VAL A 38 2.82 -5.56 -5.97
C VAL A 38 1.49 -4.97 -5.48
N ILE A 39 1.50 -4.39 -4.29
CA ILE A 39 0.26 -3.85 -3.70
C ILE A 39 0.42 -2.34 -3.50
N LEU A 40 -0.60 -1.58 -3.88
CA LEU A 40 -0.64 -0.13 -3.71
C LEU A 40 -1.72 0.29 -2.73
N ASN A 41 -1.36 1.09 -1.72
CA ASN A 41 -2.39 1.74 -0.90
C ASN A 41 -2.60 3.13 -1.53
N ASN A 42 -3.80 3.43 -2.05
CA ASN A 42 -4.03 4.73 -2.73
C ASN A 42 -5.49 5.22 -2.66
N TYR A 43 -5.64 6.55 -2.56
CA TYR A 43 -6.90 7.25 -2.72
C TYR A 43 -6.51 8.71 -2.83
N PHE A 44 -7.42 9.56 -3.32
CA PHE A 44 -7.05 10.96 -3.54
C PHE A 44 -7.38 11.88 -2.38
N LYS A 45 -7.70 11.32 -1.22
CA LYS A 45 -7.84 12.16 -0.02
C LYS A 45 -6.64 11.94 0.86
N GLY A 46 -6.14 13.03 1.41
CA GLY A 46 -5.00 12.96 2.34
C GLY A 46 -5.53 12.62 3.71
N GLY A 47 -4.64 12.09 4.56
CA GLY A 47 -4.96 11.90 5.95
C GLY A 47 -5.90 10.76 6.26
N VAL A 48 -5.94 9.75 5.40
CA VAL A 48 -6.84 8.60 5.64
C VAL A 48 -6.08 7.33 6.06
N GLY A 49 -4.79 7.46 6.34
CA GLY A 49 -4.01 6.33 6.85
C GLY A 49 -3.30 5.48 5.80
N LYS A 50 -3.11 6.00 4.59
CA LYS A 50 -2.36 5.24 3.57
C LYS A 50 -0.93 4.94 4.01
N SER A 51 -0.21 5.98 4.45
CA SER A 51 1.17 5.80 4.88
C SER A 51 1.23 4.98 6.17
N LYS A 52 0.25 5.18 7.06
CA LYS A 52 0.22 4.44 8.33
C LYS A 52 -0.03 2.95 8.12
N LEU A 53 -1.00 2.63 7.27
CA LEU A 53 -1.23 1.25 6.88
C LEU A 53 0.02 0.63 6.31
N SER A 54 0.71 1.40 5.45
CA SER A 54 1.97 0.92 4.85
C SER A 54 3.02 0.59 5.93
N THR A 55 3.19 1.48 6.90
CA THR A 55 4.13 1.24 8.01
C THR A 55 3.76 -0.06 8.76
N MET A 56 2.48 -0.21 9.06
CA MET A 56 2.00 -1.35 9.85
C MET A 56 2.11 -2.65 9.07
N PHE A 57 1.89 -2.59 7.75
CA PHE A 57 2.14 -3.75 6.89
C PHE A 57 3.63 -4.12 6.84
N ALA A 58 4.52 -3.13 6.76
CA ALA A 58 5.98 -3.38 6.78
C ALA A 58 6.32 -4.14 8.08
N TYR A 59 5.83 -3.59 9.20
CA TYR A 59 6.07 -4.16 10.55
C TYR A 59 5.59 -5.60 10.65
N LEU A 60 4.33 -5.82 10.25
CA LEU A 60 3.71 -7.15 10.30
C LEU A 60 4.38 -8.16 9.38
N THR A 61 4.66 -7.77 8.14
CA THR A 61 5.34 -8.70 7.21
C THR A 61 6.70 -9.12 7.75
N ASP A 62 7.42 -8.21 8.39
CA ASP A 62 8.75 -8.53 8.94
C ASP A 62 8.62 -9.60 10.04
N LYS A 63 7.63 -9.40 10.92
CA LYS A 63 7.29 -10.38 11.98
C LYS A 63 6.93 -11.76 11.45
N LEU A 64 6.28 -11.78 10.28
CA LEU A 64 5.88 -13.00 9.59
C LEU A 64 6.94 -13.59 8.66
N ASN A 65 8.13 -12.98 8.64
CA ASN A 65 9.26 -13.42 7.81
C ASN A 65 8.94 -13.48 6.32
N LEU A 66 8.09 -12.54 5.88
CA LEU A 66 7.87 -12.32 4.44
C LEU A 66 8.93 -11.33 3.93
N LYS A 67 9.46 -11.59 2.73
CA LYS A 67 10.50 -10.75 2.14
C LYS A 67 9.79 -9.62 1.39
N VAL A 68 9.94 -8.40 1.89
CA VAL A 68 9.11 -7.28 1.38
C VAL A 68 9.95 -6.07 1.01
N LEU A 69 9.62 -5.47 -0.14
CA LEU A 69 10.19 -4.18 -0.52
C LEU A 69 9.11 -3.10 -0.33
N MET A 70 9.34 -2.18 0.61
CA MET A 70 8.47 -0.99 0.72
C MET A 70 8.97 0.09 -0.22
N ILE A 71 8.04 0.77 -0.90
CA ILE A 71 8.42 1.86 -1.79
C ILE A 71 7.73 3.15 -1.35
N ASP A 72 8.53 4.15 -0.98
CA ASP A 72 7.99 5.43 -0.52
C ASP A 72 8.11 6.46 -1.63
N LYS A 73 7.10 6.50 -2.51
CA LYS A 73 7.09 7.41 -3.65
C LYS A 73 6.37 8.72 -3.30
N ASP A 74 6.91 9.41 -2.31
CA ASP A 74 6.34 10.67 -1.85
C ASP A 74 7.48 11.60 -1.54
N LEU A 75 7.36 12.83 -2.02
CA LEU A 75 8.33 13.89 -1.74
C LEU A 75 8.50 14.09 -0.24
N GLN A 76 7.41 13.89 0.50
CA GLN A 76 7.40 14.17 1.94
C GLN A 76 8.10 13.07 2.72
N ALA A 77 8.28 11.90 2.09
CA ALA A 77 8.94 10.75 2.71
C ALA A 77 8.32 10.35 4.05
N THR A 78 7.00 10.47 4.16
CA THR A 78 6.31 10.15 5.42
C THR A 78 6.51 8.71 5.92
N LEU A 79 6.31 7.72 5.05
CA LEU A 79 6.53 6.32 5.38
C LEU A 79 7.98 6.10 5.86
N THR A 80 8.93 6.69 5.12
CA THR A 80 10.37 6.52 5.43
C THR A 80 10.67 7.00 6.85
N LYS A 81 10.22 8.22 7.16
CA LYS A 81 10.49 8.83 8.46
C LYS A 81 9.78 8.07 9.58
N ASP A 82 8.57 7.59 9.29
CA ASP A 82 7.81 6.77 10.24
C ASP A 82 8.52 5.44 10.51
N LEU A 83 8.93 4.75 9.45
CA LEU A 83 9.67 3.47 9.61
C LEU A 83 10.95 3.64 10.44
N ALA A 84 11.59 4.79 10.27
CA ALA A 84 12.85 5.12 10.97
C ALA A 84 12.66 5.23 12.49
N LYS A 85 11.43 5.39 12.96
CA LYS A 85 11.13 5.34 14.41
C LYS A 85 11.31 3.96 15.01
N THR A 86 11.14 2.92 14.19
CA THR A 86 11.13 1.53 14.63
C THR A 86 12.37 0.78 14.13
N PHE A 87 12.81 1.09 12.91
CA PHE A 87 13.90 0.37 12.26
C PHE A 87 15.05 1.30 12.00
N LYS A 88 16.25 0.74 11.85
CA LYS A 88 17.40 1.50 11.41
C LYS A 88 17.29 1.74 9.91
N VAL A 89 17.08 2.99 9.51
CA VAL A 89 16.91 3.35 8.11
C VAL A 89 18.09 4.19 7.64
N GLU A 90 18.97 3.59 6.85
CA GLU A 90 20.11 4.32 6.26
C GLU A 90 19.67 5.16 5.06
N LEU A 91 20.50 6.13 4.69
CA LEU A 91 20.36 6.80 3.39
C LEU A 91 20.86 5.84 2.32
N PRO A 92 20.16 5.76 1.17
CA PRO A 92 20.59 4.88 0.11
C PRO A 92 21.78 5.52 -0.61
N ARG A 93 22.61 4.71 -1.26
CA ARG A 93 23.69 5.27 -2.07
C ARG A 93 23.19 6.25 -3.15
N VAL A 94 22.08 5.90 -3.81
CA VAL A 94 21.50 6.69 -4.87
C VAL A 94 20.03 6.88 -4.46
N ASN A 95 19.57 8.13 -4.36
CA ASN A 95 18.18 8.35 -3.90
C ASN A 95 17.18 7.92 -4.97
N PHE A 96 15.90 7.83 -4.58
CA PHE A 96 14.86 7.31 -5.46
C PHE A 96 14.82 8.09 -6.80
N TYR A 97 14.86 9.42 -6.75
CA TYR A 97 14.77 10.20 -7.98
C TYR A 97 15.96 9.89 -8.91
N GLU A 98 17.16 9.86 -8.34
CA GLU A 98 18.35 9.60 -9.17
C GLU A 98 18.33 8.18 -9.75
N GLY A 99 17.79 7.23 -9.00
CA GLY A 99 17.61 5.85 -9.46
C GLY A 99 16.69 5.79 -10.66
N LEU A 100 15.56 6.51 -10.57
CA LEU A 100 14.62 6.60 -11.67
C LEU A 100 15.31 7.23 -12.88
N LYS A 101 16.04 8.31 -12.65
CA LYS A 101 16.74 9.01 -13.73
C LYS A 101 17.84 8.11 -14.38
N ASN A 102 18.54 7.33 -13.55
CA ASN A 102 19.59 6.40 -14.04
C ASN A 102 19.06 5.12 -14.68
N GLY A 103 17.75 4.90 -14.57
CA GLY A 103 17.12 3.70 -15.07
C GLY A 103 17.50 2.42 -14.31
N ASN A 104 17.79 2.55 -13.01
CA ASN A 104 18.09 1.39 -12.18
C ASN A 104 17.85 1.73 -10.72
N LEU A 105 17.02 0.92 -10.04
CA LEU A 105 16.67 1.19 -8.65
C LEU A 105 17.49 0.37 -7.65
N ALA A 106 18.38 -0.48 -8.17
CA ALA A 106 19.17 -1.39 -7.33
C ALA A 106 19.98 -0.69 -6.22
N SER A 107 20.54 0.47 -6.52
CA SER A 107 21.34 1.24 -5.57
C SER A 107 20.52 2.17 -4.68
N SER A 108 19.20 2.08 -4.80
CA SER A 108 18.27 2.95 -4.04
C SER A 108 17.58 2.18 -2.89
N ILE A 109 17.97 0.93 -2.68
CA ILE A 109 17.35 0.05 -1.69
C ILE A 109 18.17 0.00 -0.41
N VAL A 110 17.48 0.20 0.71
CA VAL A 110 18.08 0.05 2.03
C VAL A 110 17.47 -1.15 2.75
N HIS A 111 18.21 -1.70 3.72
CA HIS A 111 17.81 -2.94 4.38
C HIS A 111 17.49 -2.66 5.82
N LEU A 112 16.21 -2.77 6.18
CA LEU A 112 15.76 -2.47 7.53
C LEU A 112 15.97 -3.67 8.43
N THR A 113 15.62 -4.85 7.91
CA THR A 113 15.85 -6.14 8.59
C THR A 113 16.26 -7.17 7.53
N ASP A 114 16.45 -8.44 7.92
CA ASP A 114 16.76 -9.47 6.93
C ASP A 114 15.58 -9.75 6.01
N ASN A 115 14.39 -9.32 6.43
CA ASN A 115 13.14 -9.50 5.66
C ASN A 115 12.71 -8.25 4.89
N LEU A 116 12.95 -7.08 5.49
CA LEU A 116 12.29 -5.81 5.09
C LEU A 116 13.24 -4.79 4.48
N ASP A 117 12.98 -4.44 3.22
CA ASP A 117 13.74 -3.46 2.48
C ASP A 117 12.85 -2.25 2.20
N LEU A 118 13.50 -1.14 1.87
CA LEU A 118 12.77 0.10 1.56
C LEU A 118 13.48 0.87 0.47
N ILE A 119 12.71 1.39 -0.50
CA ILE A 119 13.20 2.49 -1.35
C ILE A 119 12.66 3.78 -0.70
N PRO A 120 13.54 4.56 -0.02
CA PRO A 120 13.09 5.72 0.77
C PRO A 120 12.59 6.86 -0.11
N GLY A 121 11.68 7.66 0.43
CA GLY A 121 11.21 8.87 -0.24
C GLY A 121 12.32 9.90 -0.21
N THR A 122 12.24 10.88 -1.10
CA THR A 122 13.17 12.00 -1.12
C THR A 122 12.46 13.19 -1.73
N PHE A 123 12.79 14.39 -1.23
CA PHE A 123 12.25 15.60 -1.80
C PHE A 123 12.68 15.74 -3.27
N ASP A 124 13.80 15.11 -3.66
CA ASP A 124 14.27 15.19 -5.07
C ASP A 124 13.28 14.59 -6.04
N LEU A 125 12.31 13.80 -5.56
CA LEU A 125 11.23 13.33 -6.43
C LEU A 125 10.43 14.47 -7.06
N MET A 126 10.52 15.70 -6.51
CA MET A 126 9.89 16.86 -7.14
C MET A 126 10.38 17.07 -8.58
N LEU A 127 11.56 16.52 -8.91
CA LEU A 127 12.19 16.74 -10.24
C LEU A 127 11.68 15.77 -11.30
N LEU A 128 10.91 14.78 -10.87
CA LEU A 128 10.43 13.75 -11.79
C LEU A 128 9.55 14.23 -12.96
N PRO A 129 8.50 15.05 -12.68
CA PRO A 129 7.64 15.49 -13.77
C PRO A 129 8.41 16.25 -14.85
N LYS A 130 9.43 17.02 -14.45
CA LYS A 130 10.27 17.69 -15.45
C LYS A 130 11.10 16.68 -16.24
N LEU A 131 11.64 15.67 -15.55
CA LEU A 131 12.43 14.62 -16.22
C LEU A 131 11.66 13.96 -17.35
N THR A 132 10.40 13.66 -17.10
CA THR A 132 9.58 12.90 -18.04
C THR A 132 8.72 13.78 -18.96
N ARG A 133 8.85 15.10 -18.82
CA ARG A 133 8.01 16.04 -19.56
C ARG A 133 7.93 15.78 -21.07
N SER A 134 9.05 15.45 -21.70
CA SER A 134 9.08 15.26 -23.16
C SER A 134 8.77 13.82 -23.61
N TRP A 135 8.58 12.93 -22.65
CA TRP A 135 8.37 11.52 -22.96
C TRP A 135 6.93 11.29 -23.40
N THR A 136 6.68 10.16 -24.06
CA THR A 136 5.32 9.78 -24.37
C THR A 136 4.64 9.52 -23.04
N PHE A 137 3.32 9.67 -23.02
CA PHE A 137 2.55 9.36 -21.81
C PHE A 137 2.80 7.91 -21.39
N GLU A 138 2.91 6.99 -22.36
CA GLU A 138 3.20 5.59 -22.03
C GLU A 138 4.54 5.42 -21.31
N ASN A 139 5.61 6.00 -21.86
CA ASN A 139 6.92 5.81 -21.30
C ASN A 139 7.03 6.50 -19.93
N GLU A 140 6.41 7.66 -19.81
CA GLU A 140 6.32 8.32 -18.49
C GLU A 140 5.62 7.41 -17.47
N SER A 141 4.49 6.83 -17.88
CA SER A 141 3.61 6.11 -16.95
C SER A 141 4.16 4.73 -16.56
N ARG A 142 4.90 4.10 -17.48
CA ARG A 142 5.50 2.79 -17.25
C ARG A 142 6.86 2.80 -16.55
N LEU A 143 7.41 3.99 -16.25
CA LEU A 143 8.78 4.07 -15.75
C LEU A 143 9.01 3.21 -14.49
N LEU A 144 8.21 3.41 -13.45
CA LEU A 144 8.39 2.64 -12.21
C LEU A 144 8.25 1.13 -12.49
N ALA A 145 7.19 0.73 -13.18
CA ALA A 145 6.98 -0.69 -13.53
C ALA A 145 8.22 -1.30 -14.21
N THR A 146 8.80 -0.57 -15.15
CA THR A 146 9.96 -1.04 -15.91
C THR A 146 11.14 -1.29 -14.98
N LEU A 147 11.34 -0.39 -14.02
CA LEU A 147 12.49 -0.49 -13.13
C LEU A 147 12.24 -1.44 -11.94
N LEU A 148 10.97 -1.72 -11.66
CA LEU A 148 10.64 -2.72 -10.64
C LEU A 148 10.74 -4.15 -11.17
N ALA A 149 10.52 -4.31 -12.47
CA ALA A 149 10.51 -5.66 -13.10
C ALA A 149 11.69 -6.56 -12.69
N PRO A 150 12.95 -6.07 -12.80
CA PRO A 150 14.08 -6.93 -12.41
C PRO A 150 14.19 -7.22 -10.92
N LEU A 151 13.52 -6.43 -10.09
CA LEU A 151 13.57 -6.62 -8.64
C LEU A 151 12.58 -7.64 -8.10
N LYS A 152 11.51 -7.93 -8.86
CA LYS A 152 10.36 -8.67 -8.32
C LYS A 152 10.69 -10.11 -7.90
N SER A 153 11.62 -10.73 -8.60
CA SER A 153 12.06 -12.09 -8.25
C SER A 153 12.71 -12.16 -6.86
N ASP A 154 13.14 -11.03 -6.31
CA ASP A 154 13.78 -11.00 -5.01
C ASP A 154 12.86 -10.86 -3.79
N TYR A 155 11.56 -10.69 -4.04
CA TYR A 155 10.63 -10.35 -2.97
C TYR A 155 9.36 -11.19 -3.00
N ASP A 156 8.72 -11.32 -1.84
CA ASP A 156 7.38 -11.88 -1.76
C ASP A 156 6.35 -10.80 -2.07
N LEU A 157 6.51 -9.64 -1.45
CA LEU A 157 5.58 -8.53 -1.72
C LEU A 157 6.34 -7.23 -1.94
N ILE A 158 5.76 -6.37 -2.77
CA ILE A 158 6.23 -4.99 -2.92
C ILE A 158 5.02 -4.13 -2.55
N ILE A 159 5.20 -3.20 -1.62
CA ILE A 159 4.10 -2.39 -1.14
C ILE A 159 4.47 -0.91 -1.38
N ILE A 160 3.62 -0.25 -2.16
CA ILE A 160 3.89 1.12 -2.61
C ILE A 160 2.97 2.08 -1.86
N ASP A 161 3.55 3.18 -1.39
CA ASP A 161 2.83 4.30 -0.77
C ASP A 161 3.20 5.55 -1.60
N THR A 162 2.23 6.41 -1.87
CA THR A 162 2.53 7.60 -2.65
C THR A 162 1.61 8.77 -2.25
N VAL A 163 1.65 9.81 -3.06
CA VAL A 163 0.90 11.05 -2.83
C VAL A 163 -0.62 10.86 -3.09
N PRO A 164 -1.45 11.74 -2.52
CA PRO A 164 -2.89 11.72 -2.79
C PRO A 164 -3.30 12.52 -4.03
N THR A 165 -2.37 13.22 -4.66
CA THR A 165 -2.75 14.12 -5.76
C THR A 165 -2.44 13.43 -7.09
N PRO A 166 -3.42 13.35 -8.00
CA PRO A 166 -3.19 12.82 -9.35
C PRO A 166 -1.99 13.52 -10.01
N SER A 167 -1.04 12.73 -10.50
CA SER A 167 0.31 13.25 -10.78
C SER A 167 1.09 12.13 -11.44
N VAL A 168 2.31 12.46 -11.89
CA VAL A 168 3.22 11.44 -12.40
C VAL A 168 3.41 10.30 -11.39
N TYR A 169 3.42 10.64 -10.10
CA TYR A 169 3.67 9.69 -9.01
C TYR A 169 2.55 8.66 -8.96
N THR A 170 1.30 9.14 -8.91
CA THR A 170 0.14 8.25 -8.84
C THR A 170 0.08 7.34 -10.08
N ASN A 171 0.36 7.92 -11.25
CA ASN A 171 0.24 7.14 -12.50
C ASN A 171 1.26 6.02 -12.50
N ASN A 172 2.50 6.33 -12.12
CA ASN A 172 3.54 5.31 -12.01
C ASN A 172 3.20 4.21 -10.99
N ALA A 173 2.66 4.63 -9.85
CA ALA A 173 2.37 3.67 -8.81
C ALA A 173 1.27 2.68 -9.31
N ILE A 174 0.24 3.24 -9.94
CA ILE A 174 -0.92 2.45 -10.36
C ILE A 174 -0.47 1.49 -11.47
N VAL A 175 0.32 1.98 -12.40
CA VAL A 175 0.79 1.15 -13.54
C VAL A 175 1.70 0.00 -13.08
N ALA A 176 2.42 0.21 -11.98
CA ALA A 176 3.35 -0.79 -11.41
C ALA A 176 2.67 -1.89 -10.57
N SER A 177 1.42 -1.66 -10.18
CA SER A 177 0.79 -2.49 -9.16
C SER A 177 -0.12 -3.61 -9.71
N ASP A 178 -0.23 -4.69 -8.94
CA ASP A 178 -1.18 -5.76 -9.24
C ASP A 178 -2.52 -5.53 -8.55
N TYR A 179 -2.47 -5.00 -7.32
CA TYR A 179 -3.62 -4.80 -6.48
C TYR A 179 -3.62 -3.42 -5.83
N VAL A 180 -4.80 -2.84 -5.70
CA VAL A 180 -4.95 -1.52 -5.04
C VAL A 180 -5.90 -1.64 -3.84
N MET A 181 -5.41 -1.14 -2.70
CA MET A 181 -6.20 -1.01 -1.49
CA MET A 181 -6.15 -1.02 -1.44
C MET A 181 -6.58 0.45 -1.39
N ILE A 182 -7.86 0.73 -1.10
CA ILE A 182 -8.34 2.12 -1.09
C ILE A 182 -8.85 2.52 0.31
N PRO A 183 -7.98 3.08 1.16
CA PRO A 183 -8.44 3.58 2.45
C PRO A 183 -9.23 4.86 2.30
N LEU A 184 -10.32 5.01 3.06
CA LEU A 184 -11.14 6.22 2.98
C LEU A 184 -12.03 6.38 4.22
N GLN A 185 -12.51 7.58 4.44
CA GLN A 185 -13.50 7.82 5.48
C GLN A 185 -14.83 7.88 4.78
N ALA A 186 -15.72 6.93 5.06
CA ALA A 186 -17.00 6.86 4.33
C ALA A 186 -17.83 8.16 4.38
N GLU A 187 -17.83 8.81 5.53
CA GLU A 187 -18.61 10.04 5.71
C GLU A 187 -18.07 11.23 4.91
N GLU A 188 -16.82 11.12 4.43
CA GLU A 188 -16.18 12.19 3.67
C GLU A 188 -16.35 12.02 2.16
N GLU A 189 -16.82 10.84 1.75
CA GLU A 189 -16.86 10.52 0.31
C GLU A 189 -18.30 10.46 -0.13
N SER A 190 -18.51 10.64 -1.42
CA SER A 190 -19.81 10.44 -2.02
C SER A 190 -19.67 9.33 -3.05
N THR A 191 -20.80 8.90 -3.59
CA THR A 191 -20.78 7.92 -4.65
C THR A 191 -19.97 8.44 -5.83
N ASN A 192 -20.18 9.72 -6.19
CA ASN A 192 -19.49 10.38 -7.29
C ASN A 192 -17.98 10.38 -7.08
N ASN A 193 -17.52 10.71 -5.87
CA ASN A 193 -16.06 10.68 -5.57
C ASN A 193 -15.46 9.33 -5.87
N ILE A 194 -16.09 8.30 -5.34
CA ILE A 194 -15.57 6.93 -5.49
C ILE A 194 -15.57 6.52 -6.95
N GLN A 195 -16.68 6.78 -7.65
CA GLN A 195 -16.76 6.43 -9.06
C GLN A 195 -15.75 7.17 -9.91
N ASN A 196 -15.52 8.46 -9.60
CA ASN A 196 -14.51 9.25 -10.31
C ASN A 196 -13.11 8.68 -10.07
N TYR A 197 -12.80 8.35 -8.82
CA TYR A 197 -11.51 7.73 -8.51
C TYR A 197 -11.37 6.39 -9.29
N ILE A 198 -12.39 5.56 -9.21
CA ILE A 198 -12.34 4.31 -9.92
C ILE A 198 -12.17 4.53 -11.43
N SER A 199 -12.79 5.57 -11.98
CA SER A 199 -12.61 5.91 -13.42
C SER A 199 -11.16 6.20 -13.76
N TYR A 200 -10.45 6.82 -12.82
CA TYR A 200 -9.01 7.12 -12.97
C TYR A 200 -8.19 5.82 -13.07
N LEU A 201 -8.45 4.88 -12.15
CA LEU A 201 -7.84 3.56 -12.19
C LEU A 201 -8.14 2.86 -13.51
N ILE A 202 -9.39 2.89 -13.91
CA ILE A 202 -9.82 2.20 -15.14
C ILE A 202 -9.06 2.73 -16.35
N ASP A 203 -8.95 4.06 -16.47
CA ASP A 203 -8.18 4.72 -17.53
C ASP A 203 -6.76 4.15 -17.67
N LEU A 204 -6.03 4.05 -16.56
CA LEU A 204 -4.66 3.52 -16.59
C LEU A 204 -4.62 2.00 -16.77
N GLN A 205 -5.60 1.31 -16.18
CA GLN A 205 -5.71 -0.16 -16.32
C GLN A 205 -5.83 -0.53 -17.82
N GLU A 206 -6.75 0.12 -18.50
CA GLU A 206 -7.02 -0.21 -19.91
C GLU A 206 -5.82 0.07 -20.84
N GLN A 207 -5.11 1.16 -20.58
CA GLN A 207 -3.97 1.54 -21.39
C GLN A 207 -2.73 0.72 -21.11
N PHE A 208 -2.41 0.49 -19.82
CA PHE A 208 -1.06 0.04 -19.46
C PHE A 208 -0.98 -1.14 -18.49
N ASN A 209 -2.10 -1.51 -17.90
CA ASN A 209 -2.09 -2.49 -16.79
C ASN A 209 -3.44 -3.22 -16.66
N PRO A 210 -3.82 -4.00 -17.69
CA PRO A 210 -5.18 -4.56 -17.73
C PRO A 210 -5.52 -5.52 -16.60
N GLY A 211 -4.51 -6.13 -15.98
CA GLY A 211 -4.72 -7.09 -14.89
C GLY A 211 -4.93 -6.44 -13.53
N LEU A 212 -4.76 -5.12 -13.47
CA LEU A 212 -4.98 -4.39 -12.19
C LEU A 212 -6.31 -4.75 -11.51
N ASP A 213 -6.25 -5.13 -10.24
CA ASP A 213 -7.43 -5.41 -9.43
C ASP A 213 -7.52 -4.52 -8.19
N MET A 214 -8.72 -4.06 -7.87
CA MET A 214 -8.98 -3.39 -6.59
CA MET A 214 -8.98 -3.40 -6.59
CA MET A 214 -9.02 -3.38 -6.61
C MET A 214 -9.26 -4.48 -5.55
N ILE A 215 -8.50 -4.45 -4.46
CA ILE A 215 -8.68 -5.40 -3.32
C ILE A 215 -9.98 -5.03 -2.59
N GLY A 216 -10.19 -3.73 -2.38
CA GLY A 216 -11.38 -3.25 -1.68
C GLY A 216 -11.12 -1.91 -1.03
N PHE A 217 -12.16 -1.39 -0.39
CA PHE A 217 -12.11 -0.14 0.36
C PHE A 217 -11.85 -0.45 1.82
N VAL A 218 -10.92 0.29 2.42
CA VAL A 218 -10.60 0.08 3.84
C VAL A 218 -11.08 1.28 4.65
N PRO A 219 -12.24 1.14 5.32
CA PRO A 219 -12.77 2.25 6.10
C PRO A 219 -11.89 2.69 7.25
N TYR A 220 -11.79 4.00 7.39
CA TYR A 220 -11.09 4.61 8.51
C TYR A 220 -12.16 5.35 9.33
N LEU A 221 -12.25 5.01 10.61
CA LEU A 221 -13.27 5.61 11.50
C LEU A 221 -12.58 6.48 12.53
N VAL A 222 -12.72 7.80 12.40
CA VAL A 222 -11.99 8.73 13.27
C VAL A 222 -12.69 8.94 14.62
N ASP A 223 -13.98 8.65 14.66
CA ASP A 223 -14.78 8.78 15.88
C ASP A 223 -15.75 7.61 16.01
N THR A 224 -15.51 6.78 17.02
CA THR A 224 -16.31 5.57 17.29
C THR A 224 -17.69 5.88 17.89
N ASP A 225 -17.85 7.10 18.41
CA ASP A 225 -19.09 7.50 19.08
C ASP A 225 -19.89 8.50 18.24
N SER A 226 -19.73 8.43 16.92
CA SER A 226 -20.35 9.37 16.00
C SER A 226 -21.45 8.68 15.21
N ALA A 227 -22.66 9.19 15.34
CA ALA A 227 -23.83 8.63 14.66
C ALA A 227 -23.74 8.75 13.14
N THR A 228 -23.26 9.89 12.63
CA THR A 228 -23.14 10.10 11.19
C THR A 228 -22.04 9.23 10.57
N ILE A 229 -20.91 9.11 11.26
CA ILE A 229 -19.82 8.25 10.80
C ILE A 229 -20.29 6.81 10.67
N LYS A 230 -20.95 6.30 11.73
CA LYS A 230 -21.52 4.95 11.74
C LYS A 230 -22.49 4.74 10.58
N SER A 231 -23.37 5.71 10.38
CA SER A 231 -24.43 5.61 9.40
C SER A 231 -23.90 5.68 7.96
N ASN A 232 -22.90 6.52 7.72
CA ASN A 232 -22.27 6.59 6.39
C ASN A 232 -21.53 5.30 6.04
N LEU A 233 -20.86 4.73 7.05
CA LEU A 233 -20.22 3.44 6.87
C LEU A 233 -21.24 2.33 6.52
N GLU A 234 -22.35 2.29 7.27
CA GLU A 234 -23.46 1.36 6.98
C GLU A 234 -23.92 1.47 5.52
N GLU A 235 -24.06 2.69 5.04
CA GLU A 235 -24.53 2.95 3.69
C GLU A 235 -23.54 2.50 2.62
N LEU A 236 -22.25 2.65 2.90
CA LEU A 236 -21.22 2.17 1.99
C LEU A 236 -21.28 0.65 1.84
N TYR A 237 -21.39 -0.05 2.98
CA TYR A 237 -21.55 -1.51 2.95
C TYR A 237 -22.79 -1.91 2.12
N LYS A 238 -23.90 -1.20 2.31
CA LYS A 238 -25.14 -1.46 1.56
C LYS A 238 -24.92 -1.32 0.06
N GLN A 239 -24.25 -0.23 -0.34
CA GLN A 239 -23.93 0.06 -1.73
C GLN A 239 -23.10 -1.04 -2.39
N HIS A 240 -22.32 -1.75 -1.59
CA HIS A 240 -21.36 -2.71 -2.10
C HIS A 240 -21.66 -4.11 -1.57
N LYS A 241 -22.95 -4.38 -1.42
CA LYS A 241 -23.42 -5.66 -0.91
C LYS A 241 -22.97 -6.78 -1.84
N GLU A 242 -23.18 -6.60 -3.14
CA GLU A 242 -22.89 -7.65 -4.11
C GLU A 242 -21.41 -7.81 -4.42
N ASP A 243 -20.70 -6.69 -4.66
CA ASP A 243 -19.30 -6.79 -5.05
C ASP A 243 -18.37 -7.06 -3.85
N ASN A 244 -18.92 -6.86 -2.65
CA ASN A 244 -18.24 -7.13 -1.37
C ASN A 244 -16.92 -6.35 -1.20
N LEU A 245 -16.80 -5.22 -1.87
CA LEU A 245 -15.53 -4.48 -1.88
C LEU A 245 -15.18 -3.81 -0.57
N VAL A 246 -16.15 -3.59 0.32
CA VAL A 246 -15.79 -2.91 1.58
C VAL A 246 -15.21 -3.92 2.55
N PHE A 247 -14.02 -3.62 3.11
CA PHE A 247 -13.35 -4.52 4.06
C PHE A 247 -14.26 -4.74 5.28
N GLN A 248 -14.33 -5.99 5.75
CA GLN A 248 -15.09 -6.30 6.97
C GLN A 248 -14.36 -5.84 8.21
N ASN A 249 -13.03 -5.89 8.13
CA ASN A 249 -12.15 -5.39 9.17
C ASN A 249 -11.70 -3.98 8.84
N ILE A 250 -11.89 -3.08 9.80
CA ILE A 250 -11.70 -1.66 9.50
C ILE A 250 -10.63 -1.07 10.43
N ILE A 251 -10.24 0.17 10.14
CA ILE A 251 -9.27 0.88 10.96
C ILE A 251 -9.96 1.97 11.77
N LYS A 252 -9.79 1.92 13.09
CA LYS A 252 -10.32 2.95 13.98
C LYS A 252 -9.19 3.83 14.50
N ARG A 253 -9.48 5.12 14.66
CA ARG A 253 -8.51 6.04 15.24
C ARG A 253 -8.14 5.53 16.65
N SER A 254 -6.85 5.51 16.95
CA SER A 254 -6.37 5.05 18.24
C SER A 254 -5.28 5.96 18.74
N ASN A 255 -5.34 6.34 20.01
CA ASN A 255 -4.24 7.08 20.59
C ASN A 255 -2.90 6.36 20.55
N LYS A 256 -2.95 5.04 20.53
CA LYS A 256 -1.75 4.23 20.51
C LYS A 256 -0.89 4.51 19.28
N VAL A 257 -1.56 4.79 18.15
CA VAL A 257 -0.85 5.02 16.88
C VAL A 257 -0.03 6.31 17.03
N SER A 258 -0.58 7.27 17.74
CA SER A 258 0.15 8.48 18.03
C SER A 258 1.44 8.19 18.86
N THR A 259 1.33 7.30 19.84
CA THR A 259 2.49 6.87 20.63
C THR A 259 3.58 6.19 19.76
N TRP A 260 3.16 5.26 18.91
CA TRP A 260 4.09 4.59 18.01
C TRP A 260 4.74 5.56 17.01
N SER A 261 4.01 6.59 16.61
CA SER A 261 4.52 7.60 15.66
C SER A 261 5.61 8.45 16.28
N LYS A 262 5.58 8.59 17.61
CA LYS A 262 6.61 9.31 18.33
C LYS A 262 7.81 8.41 18.72
N ASN A 263 7.53 7.23 19.27
CA ASN A 263 8.52 6.41 19.94
C ASN A 263 8.97 5.18 19.16
N GLY A 264 8.22 4.85 18.13
CA GLY A 264 8.40 3.57 17.46
C GLY A 264 7.36 2.58 17.90
N ILE A 265 7.16 1.55 17.09
CA ILE A 265 6.17 0.54 17.37
C ILE A 265 6.69 -0.38 18.46
N THR A 266 5.86 -0.68 19.45
CA THR A 266 6.25 -1.63 20.48
C THR A 266 5.17 -2.69 20.62
N GLU A 267 5.50 -3.78 21.31
CA GLU A 267 4.51 -4.80 21.62
C GLU A 267 4.29 -5.02 23.13
N HIS A 268 5.19 -4.48 23.97
CA HIS A 268 5.22 -4.81 25.41
C HIS A 268 4.38 -3.88 26.31
N LYS A 269 3.74 -2.87 25.71
CA LYS A 269 2.94 -1.90 26.47
C LYS A 269 1.43 -2.19 26.41
N GLY A 270 0.67 -1.57 27.32
CA GLY A 270 -0.78 -1.67 27.35
C GLY A 270 -1.39 -1.23 26.02
N TYR A 271 -2.35 -2.01 25.53
CA TYR A 271 -3.01 -1.81 24.24
C TYR A 271 -2.14 -2.03 22.97
N ASP A 272 -0.82 -2.19 23.12
CA ASP A 272 0.04 -2.44 21.93
C ASP A 272 -0.51 -3.60 21.11
N LYS A 273 -0.76 -4.73 21.76
CA LYS A 273 -1.14 -5.95 21.04
C LYS A 273 -2.57 -5.84 20.50
N LYS A 274 -3.43 -5.11 21.20
CA LYS A 274 -4.80 -4.91 20.74
C LYS A 274 -4.86 -4.03 19.46
N VAL A 275 -4.07 -2.96 19.43
CA VAL A 275 -4.04 -2.08 18.25
C VAL A 275 -3.33 -2.81 17.09
N LEU A 276 -2.26 -3.54 17.40
CA LEU A 276 -1.61 -4.41 16.40
C LEU A 276 -2.56 -5.41 15.77
N SER A 277 -3.44 -6.02 16.56
CA SER A 277 -4.39 -6.98 15.99
C SER A 277 -5.40 -6.31 15.03
N MET A 278 -5.77 -5.06 15.30
CA MET A 278 -6.57 -4.27 14.36
C MET A 278 -5.90 -4.22 12.96
N TYR A 279 -4.62 -3.89 12.93
CA TYR A 279 -3.86 -3.83 11.68
C TYR A 279 -3.67 -5.21 11.11
N LYS A 280 -3.38 -6.20 11.97
CA LYS A 280 -3.24 -7.59 11.51
C LYS A 280 -4.52 -8.11 10.81
N ASN A 281 -5.68 -7.79 11.34
CA ASN A 281 -6.94 -8.25 10.77
C ASN A 281 -7.19 -7.67 9.38
N VAL A 282 -6.82 -6.42 9.19
CA VAL A 282 -6.87 -5.82 7.84
C VAL A 282 -5.86 -6.50 6.92
N PHE A 283 -4.65 -6.71 7.41
CA PHE A 283 -3.61 -7.34 6.64
C PHE A 283 -4.06 -8.71 6.15
N PHE A 284 -4.56 -9.53 7.06
CA PHE A 284 -5.00 -10.88 6.69
C PHE A 284 -6.22 -10.90 5.78
N GLU A 285 -7.16 -9.99 5.99
CA GLU A 285 -8.28 -9.83 5.07
C GLU A 285 -7.78 -9.46 3.67
N MET A 286 -6.79 -8.56 3.60
CA MET A 286 -6.14 -8.23 2.33
C MET A 286 -5.56 -9.47 1.64
N LEU A 287 -4.81 -10.28 2.39
CA LEU A 287 -4.27 -11.52 1.84
C LEU A 287 -5.39 -12.47 1.36
N GLU A 288 -6.46 -12.60 2.14
CA GLU A 288 -7.60 -13.47 1.75
C GLU A 288 -8.16 -13.06 0.39
N ARG A 289 -8.34 -11.75 0.25
CA ARG A 289 -8.90 -11.14 -0.95
C ARG A 289 -7.95 -11.31 -2.15
N ILE A 290 -6.66 -11.14 -1.92
CA ILE A 290 -5.66 -11.38 -2.95
C ILE A 290 -5.67 -12.86 -3.35
N ILE A 291 -5.69 -13.74 -2.36
CA ILE A 291 -5.68 -15.20 -2.61
C ILE A 291 -6.87 -15.62 -3.47
N GLN A 292 -8.06 -15.10 -3.15
CA GLN A 292 -9.27 -15.42 -3.91
C GLN A 292 -9.09 -15.01 -5.38
N LEU A 293 -8.57 -13.79 -5.59
CA LEU A 293 -8.36 -13.28 -6.95
C LEU A 293 -7.27 -14.05 -7.69
N GLU A 294 -6.18 -14.34 -7.00
CA GLU A 294 -5.09 -15.15 -7.57
C GLU A 294 -5.56 -16.57 -7.96
N ASN A 295 -6.36 -17.18 -7.10
CA ASN A 295 -6.89 -18.52 -7.36
C ASN A 295 -7.79 -18.54 -8.59
N GLU A 296 -8.42 -17.41 -8.88
CA GLU A 296 -9.26 -17.28 -10.07
C GLU A 296 -8.44 -17.15 -11.36
N LYS A 297 -7.21 -16.65 -11.22
CA LYS A 297 -6.38 -16.13 -12.32
C LYS A 297 -5.76 -17.13 -13.27
N GLU A 298 -5.74 -16.70 -14.53
CA GLU A 298 -4.97 -17.24 -15.64
C GLU A 298 -3.83 -18.19 -15.26
#